data_1GHY
#
_entry.id   1GHY
#
_cell.length_a   71.89
_cell.length_b   72.22
_cell.length_c   72.74
_cell.angle_alpha   90.0
_cell.angle_beta   100.97
_cell.angle_gamma   90.0
#
_symmetry.space_group_name_H-M   'C 1 2 1'
#
loop_
_entity.id
_entity.type
_entity.pdbx_description
1 polymer THROMBIN
2 polymer THROMBIN
3 polymer 'ACETYL HIRUDIN'
4 non-polymer 'ZINC ION'
5 non-polymer 'SODIUM ION'
6 non-polymer 'CALCIUM ION'
7 non-polymer 2-(3-HYDROXY-PYRIDIN-2-YL)-1H-BENZOIMIDAZOLE-5-CARBOXAMIDINE
8 water water
#
loop_
_entity_poly.entity_id
_entity_poly.type
_entity_poly.pdbx_seq_one_letter_code
_entity_poly.pdbx_strand_id
1 'polypeptide(L)' TFGSGEADCGLRPLFEKKSLEDKTERELLESYIDGR L
2 'polypeptide(L)'
;IVEGSDAEIGMSPWQVMLFRKSPQELLCGASLISDRWVLTAAHCLLYPPWDKNFTENDLLVRIGKHSRTRYERNIEKISM
LEKIYIHPRYNWRENLDRDIALMKLKKPVAFSDYIHPVCLPDRETAASLLQAGYKGRVTGWGNLKETWTANVGKGQPSVL
QVVNLPIVERPVCKDSTRIRITDNMFCAGYKPDEGKRGDACEGDSGGPFVMKSPFNNRWYQMGIVSWGEGCDRDGKYGFY
THVFRLKKWIQKVIDQF
;
H
3 'polypeptide(L)' DFEEIPEE(TYS)LQ I
#
# COMPACT_ATOMS: atom_id res chain seq x y z
N THR A 1 -17.26 9.44 -9.00
CA THR A 1 -16.64 8.13 -8.66
C THR A 1 -15.31 8.15 -9.40
N PHE A 2 -14.78 6.98 -9.64
CA PHE A 2 -13.50 6.88 -10.36
C PHE A 2 -13.68 7.61 -11.67
N GLY A 3 -12.57 7.94 -12.20
CA GLY A 3 -12.45 8.70 -13.46
C GLY A 3 -11.33 9.49 -12.78
N SER A 4 -11.67 10.04 -11.63
CA SER A 4 -10.74 10.83 -10.80
C SER A 4 -10.79 10.09 -9.45
N GLY A 5 -11.96 9.90 -8.84
CA GLY A 5 -12.01 9.17 -7.52
C GLY A 5 -12.98 9.82 -6.54
N GLU A 6 -12.53 10.09 -5.34
CA GLU A 6 -13.42 10.72 -4.31
C GLU A 6 -13.29 12.24 -4.39
N ALA A 7 -12.89 12.69 -5.56
CA ALA A 7 -12.69 14.13 -5.90
C ALA A 7 -11.63 14.83 -5.10
N ASP A 8 -11.69 14.75 -3.81
CA ASP A 8 -10.68 15.42 -2.95
C ASP A 8 -9.82 14.25 -2.49
N CYS A 9 -9.13 13.59 -3.36
CA CYS A 9 -8.29 12.44 -2.96
C CYS A 9 -6.84 12.90 -3.09
N GLY A 10 -5.99 12.20 -2.40
CA GLY A 10 -4.55 12.55 -2.48
C GLY A 10 -4.13 13.84 -1.84
N LEU A 11 -5.03 14.60 -1.29
CA LEU A 11 -4.64 15.90 -0.63
C LEU A 11 -4.71 15.61 0.86
N ARG A 12 -3.58 15.65 1.52
CA ARG A 12 -3.58 15.35 2.97
C ARG A 12 -3.96 16.58 3.79
N PRO A 13 -4.89 16.45 4.70
CA PRO A 13 -5.31 17.55 5.62
C PRO A 13 -4.20 18.28 6.38
N LEU A 14 -3.25 17.50 6.81
CA LEU A 14 -2.10 18.04 7.59
C LEU A 14 -0.97 18.50 6.75
N PHE A 15 -1.00 18.25 5.47
CA PHE A 15 0.13 18.71 4.62
C PHE A 15 -0.33 19.53 3.42
N GLU A 16 -0.72 18.93 2.33
CA GLU A 16 -1.16 19.73 1.14
C GLU A 16 -2.18 20.77 1.47
N LYS A 17 -3.19 20.39 2.18
CA LYS A 17 -4.27 21.37 2.53
C LYS A 17 -3.76 22.57 3.29
N LYS A 18 -2.66 22.44 3.96
CA LYS A 18 -2.10 23.57 4.74
C LYS A 18 -0.83 24.06 4.07
N SER A 19 -0.57 23.52 2.92
CA SER A 19 0.64 23.85 2.11
C SER A 19 1.91 23.56 2.96
N LEU A 20 1.90 22.46 3.69
CA LEU A 20 3.08 22.08 4.51
C LEU A 20 3.62 20.84 3.75
N GLU A 21 4.91 20.63 3.78
CA GLU A 21 5.55 19.47 3.07
C GLU A 21 6.01 18.45 4.09
N ASP A 22 5.98 17.16 3.80
CA ASP A 22 6.47 16.19 4.84
C ASP A 22 7.99 16.18 4.61
N LYS A 23 8.77 15.60 5.47
CA LYS A 23 10.23 15.66 5.24
C LYS A 23 10.93 14.96 4.10
N THR A 24 10.31 14.08 3.38
CA THR A 24 11.07 13.45 2.26
C THR A 24 10.28 13.52 0.95
N GLU A 25 9.18 14.24 0.90
CA GLU A 25 8.46 14.25 -0.38
C GLU A 25 9.31 14.93 -1.42
N ARG A 26 10.14 15.84 -1.00
CA ARG A 26 11.07 16.58 -1.94
C ARG A 26 11.85 15.55 -2.81
N GLU A 27 12.31 14.53 -2.14
CA GLU A 27 13.10 13.40 -2.75
C GLU A 27 12.33 12.77 -3.94
N LEU A 28 11.05 12.67 -3.80
CA LEU A 28 10.21 12.07 -4.87
C LEU A 28 10.14 13.06 -6.01
N LEU A 29 9.70 14.24 -5.70
CA LEU A 29 9.56 15.30 -6.73
C LEU A 29 10.88 15.57 -7.42
N GLU A 30 11.95 15.51 -6.70
CA GLU A 30 13.25 15.76 -7.37
C GLU A 30 13.54 14.61 -8.32
N SER A 31 13.18 13.40 -7.97
CA SER A 31 13.49 12.29 -8.91
C SER A 31 12.64 12.36 -10.17
N TYR A 32 11.67 13.23 -10.21
CA TYR A 32 10.85 13.25 -11.46
C TYR A 32 11.46 14.35 -12.33
N ILE A 33 12.75 14.54 -12.21
CA ILE A 33 13.52 15.55 -12.98
C ILE A 33 13.06 17.01 -12.76
N ASP A 34 12.91 17.30 -11.49
CA ASP A 34 12.48 18.64 -10.97
C ASP A 34 10.96 18.77 -10.97
N GLY A 35 10.35 18.58 -9.84
CA GLY A 35 8.86 18.71 -9.80
C GLY A 35 8.34 20.17 -9.79
N ARG A 36 9.17 21.14 -10.06
CA ARG A 36 8.75 22.59 -10.08
C ARG A 36 9.72 23.37 -10.98
N ILE B 1 9.15 -2.71 6.87
CA ILE B 1 9.89 -1.88 5.90
C ILE B 1 11.27 -1.95 6.49
N VAL B 2 12.23 -2.14 5.64
CA VAL B 2 13.66 -2.25 6.01
C VAL B 2 14.36 -0.98 5.56
N GLU B 3 15.16 -0.47 6.45
CA GLU B 3 15.96 0.78 6.26
C GLU B 3 15.07 1.98 5.89
N GLY B 4 13.98 2.09 6.60
CA GLY B 4 13.00 3.20 6.40
C GLY B 4 13.04 4.03 7.68
N SER B 5 12.18 5.01 7.77
CA SER B 5 12.11 5.89 8.95
C SER B 5 10.67 5.91 9.49
N ASP B 6 10.51 6.55 10.62
CA ASP B 6 9.15 6.64 11.24
C ASP B 6 8.39 7.65 10.44
N ALA B 7 7.18 7.33 10.13
CA ALA B 7 6.34 8.25 9.33
C ALA B 7 6.00 9.44 10.25
N GLU B 8 5.46 10.46 9.68
CA GLU B 8 5.07 11.66 10.48
C GLU B 8 3.58 11.42 10.69
N ILE B 9 3.05 12.18 11.60
CA ILE B 9 1.62 12.05 11.89
C ILE B 9 0.85 12.61 10.65
N GLY B 10 -0.08 11.84 10.20
CA GLY B 10 -0.92 12.21 9.04
C GLY B 10 -0.18 12.14 7.71
N MET B 11 0.97 11.54 7.67
CA MET B 11 1.77 11.43 6.39
C MET B 11 1.08 10.54 5.32
N SER B 12 0.51 9.47 5.75
CA SER B 12 -0.21 8.48 4.88
C SER B 12 -1.62 8.21 5.38
N PRO B 13 -2.50 9.18 5.28
CA PRO B 13 -3.83 9.06 5.93
C PRO B 13 -4.70 7.98 5.28
N TRP B 14 -4.20 7.41 4.23
CA TRP B 14 -4.94 6.34 3.51
C TRP B 14 -4.41 4.98 3.91
N GLN B 15 -3.42 4.95 4.74
CA GLN B 15 -2.87 3.62 5.14
C GLN B 15 -3.88 2.92 6.05
N VAL B 16 -4.11 1.68 5.78
CA VAL B 16 -5.04 0.84 6.55
C VAL B 16 -4.20 -0.36 7.07
N MET B 17 -4.67 -0.93 8.15
CA MET B 17 -4.02 -2.10 8.81
C MET B 17 -5.06 -3.22 8.79
N LEU B 18 -4.72 -4.37 8.26
CA LEU B 18 -5.68 -5.51 8.22
C LEU B 18 -5.23 -6.22 9.50
N PHE B 19 -6.19 -6.43 10.35
CA PHE B 19 -5.94 -7.07 11.65
C PHE B 19 -6.78 -8.31 11.78
N ARG B 20 -6.22 -9.30 12.39
CA ARG B 20 -6.98 -10.56 12.54
C ARG B 20 -7.65 -10.46 13.90
N LYS B 21 -8.82 -11.02 13.99
CA LYS B 21 -9.54 -10.96 15.30
C LYS B 21 -8.97 -12.03 16.26
N SER B 22 -8.86 -13.26 15.84
CA SER B 22 -8.32 -14.36 16.71
C SER B 22 -7.25 -15.23 16.04
N PRO B 23 -6.00 -15.22 16.45
CA PRO B 23 -5.35 -14.22 17.34
C PRO B 23 -5.46 -12.79 16.81
N GLN B 24 -5.12 -11.88 17.68
CA GLN B 24 -5.17 -10.46 17.33
C GLN B 24 -3.76 -10.17 16.84
N GLU B 25 -3.65 -10.09 15.54
CA GLU B 25 -2.31 -9.80 14.93
C GLU B 25 -2.41 -9.00 13.62
N LEU B 26 -1.29 -8.40 13.30
CA LEU B 26 -1.16 -7.57 12.07
C LEU B 26 -1.06 -8.61 11.00
N LEU B 27 -1.89 -8.42 10.02
CA LEU B 27 -1.96 -9.32 8.86
C LEU B 27 -1.27 -8.70 7.63
N CYS B 28 -1.69 -7.51 7.29
CA CYS B 28 -1.14 -6.79 6.11
C CYS B 28 -1.50 -5.31 6.17
N GLY B 29 -1.12 -4.64 5.11
CA GLY B 29 -1.34 -3.19 4.92
C GLY B 29 -2.43 -3.15 3.89
N ALA B 30 -2.95 -1.99 3.63
CA ALA B 30 -4.03 -1.81 2.64
C ALA B 30 -4.18 -0.32 2.48
N SER B 31 -5.05 0.11 1.61
CA SER B 31 -5.21 1.57 1.45
C SER B 31 -6.71 1.89 1.30
N LEU B 32 -7.03 3.08 1.72
CA LEU B 32 -8.42 3.59 1.69
C LEU B 32 -8.47 4.35 0.36
N ILE B 33 -9.37 3.95 -0.48
CA ILE B 33 -9.51 4.61 -1.81
C ILE B 33 -10.88 5.32 -1.87
N SER B 34 -11.79 4.90 -1.03
CA SER B 34 -13.15 5.51 -1.00
C SER B 34 -13.55 5.53 0.49
N ASP B 35 -14.73 6.00 0.80
CA ASP B 35 -15.08 6.00 2.25
C ASP B 35 -15.56 4.59 2.53
N ARG B 36 -15.83 3.83 1.51
CA ARG B 36 -16.31 2.42 1.70
C ARG B 36 -15.37 1.35 1.14
N TRP B 37 -14.39 1.71 0.36
CA TRP B 37 -13.50 0.62 -0.19
C TRP B 37 -12.04 0.65 0.23
N VAL B 38 -11.52 -0.52 0.45
CA VAL B 38 -10.11 -0.66 0.87
C VAL B 38 -9.48 -1.57 -0.21
N LEU B 39 -8.26 -1.28 -0.58
CA LEU B 39 -7.51 -2.06 -1.62
C LEU B 39 -6.33 -2.76 -0.93
N THR B 40 -6.10 -4.00 -1.25
CA THR B 40 -4.96 -4.73 -0.63
C THR B 40 -4.45 -5.77 -1.64
N ALA B 41 -3.55 -6.58 -1.20
CA ALA B 41 -2.98 -7.62 -2.09
C ALA B 41 -3.76 -8.85 -1.76
N ALA B 42 -4.08 -9.57 -2.77
CA ALA B 42 -4.85 -10.83 -2.58
C ALA B 42 -4.12 -11.88 -1.78
N HIS B 43 -2.82 -11.89 -1.71
CA HIS B 43 -2.18 -12.98 -0.92
C HIS B 43 -2.21 -12.72 0.57
N CYS B 44 -2.75 -11.60 0.93
CA CYS B 44 -2.86 -11.24 2.36
C CYS B 44 -4.04 -12.02 2.89
N LEU B 45 -4.90 -12.36 1.97
CA LEU B 45 -6.15 -13.13 2.30
C LEU B 45 -6.19 -14.58 1.87
N LEU B 46 -5.75 -14.82 0.66
CA LEU B 46 -5.75 -16.19 0.07
C LEU B 46 -4.39 -16.65 -0.42
N TYR B 47 -3.84 -17.64 0.21
CA TYR B 47 -2.52 -18.14 -0.23
C TYR B 47 -2.51 -19.61 0.16
N PRO B 48 -3.14 -20.43 -0.64
CA PRO B 48 -3.30 -21.88 -0.34
C PRO B 48 -2.06 -22.71 0.07
N PRO B 49 -0.89 -22.47 -0.48
CA PRO B 49 0.37 -23.10 0.00
C PRO B 49 0.55 -23.03 1.51
N TRP B 50 0.07 -21.97 2.12
CA TRP B 50 0.21 -21.83 3.62
C TRP B 50 -1.18 -21.83 4.24
N ASP B 51 -2.11 -22.43 3.56
CA ASP B 51 -3.51 -22.50 4.05
C ASP B 51 -4.11 -21.19 4.53
N LYS B 52 -3.89 -20.10 3.83
CA LYS B 52 -4.50 -18.82 4.30
C LYS B 52 -5.66 -18.69 3.38
N ASN B 53 -6.79 -18.40 3.95
CA ASN B 53 -8.02 -18.21 3.19
C ASN B 53 -8.85 -17.58 4.26
N PHE B 54 -8.67 -16.29 4.40
CA PHE B 54 -9.43 -15.54 5.43
C PHE B 54 -10.71 -15.06 4.80
N THR B 55 -11.71 -14.89 5.64
CA THR B 55 -13.06 -14.41 5.20
C THR B 55 -13.31 -13.08 5.94
N GLU B 56 -14.40 -12.46 5.56
CA GLU B 56 -14.85 -11.15 6.15
C GLU B 56 -14.76 -11.14 7.68
N ASN B 57 -15.51 -12.06 8.19
CA ASN B 57 -15.61 -12.23 9.66
C ASN B 57 -14.33 -12.58 10.34
N ASP B 58 -13.24 -12.69 9.64
CA ASP B 58 -11.95 -13.04 10.36
C ASP B 58 -11.09 -11.81 10.45
N LEU B 59 -11.52 -10.80 9.75
CA LEU B 59 -10.75 -9.51 9.69
C LEU B 59 -11.45 -8.24 10.13
N LEU B 60 -10.62 -7.32 10.53
CA LEU B 60 -11.03 -5.97 10.99
C LEU B 60 -10.06 -5.07 10.18
N VAL B 61 -10.50 -3.89 9.87
CA VAL B 61 -9.69 -2.93 9.10
C VAL B 61 -9.52 -1.75 10.08
N ARG B 62 -8.31 -1.41 10.43
CA ARG B 62 -8.09 -0.26 11.36
C ARG B 62 -7.49 0.85 10.52
N ILE B 63 -8.18 1.95 10.53
CA ILE B 63 -7.77 3.15 9.76
C ILE B 63 -7.45 4.32 10.70
N GLY B 64 -6.53 5.16 10.29
CA GLY B 64 -6.13 6.35 11.09
C GLY B 64 -4.97 6.07 11.99
N LYS B 65 -4.38 4.90 11.87
CA LYS B 65 -3.23 4.56 12.77
C LYS B 65 -1.82 5.00 12.41
N HIS B 66 -1.07 5.05 13.48
CA HIS B 66 0.34 5.45 13.45
C HIS B 66 1.06 4.32 14.23
N SER B 67 0.65 4.14 15.46
CA SER B 67 1.24 3.10 16.38
C SER B 67 0.76 1.75 15.88
N ARG B 68 1.65 0.80 15.91
CA ARG B 68 1.34 -0.56 15.49
C ARG B 68 0.46 -1.29 16.51
N THR B 69 0.94 -1.36 17.72
CA THR B 69 0.17 -2.09 18.77
C THR B 69 -0.87 -1.39 19.65
N ARG B 70 -0.89 -0.10 19.68
CA ARG B 70 -1.90 0.54 20.56
C ARG B 70 -3.20 0.92 19.90
N TYR B 71 -4.24 0.93 20.69
CA TYR B 71 -5.62 1.28 20.22
C TYR B 71 -5.59 2.80 20.48
N GLU B 72 -5.49 3.52 19.39
CA GLU B 72 -5.43 5.01 19.40
C GLU B 72 -6.85 5.54 19.47
N ARG B 73 -7.29 5.52 20.70
CA ARG B 73 -8.65 5.98 21.09
C ARG B 73 -8.94 7.39 20.54
N ASN B 74 -10.08 7.56 19.92
CA ASN B 74 -10.53 8.88 19.33
C ASN B 74 -9.80 9.24 18.03
N ILE B 75 -8.81 8.50 17.64
CA ILE B 75 -8.08 8.82 16.39
C ILE B 75 -8.36 7.74 15.34
N GLU B 76 -8.13 6.51 15.69
CA GLU B 76 -8.36 5.45 14.67
C GLU B 76 -9.79 4.98 14.67
N LYS B 77 -10.19 4.38 13.58
CA LYS B 77 -11.56 3.83 13.39
C LYS B 77 -11.31 2.36 13.00
N ILE B 78 -12.22 1.53 13.36
CA ILE B 78 -12.13 0.08 13.06
C ILE B 78 -13.40 -0.21 12.28
N SER B 79 -13.30 -0.87 11.17
CA SER B 79 -14.50 -1.17 10.34
C SER B 79 -14.54 -2.67 10.13
N MET B 80 -15.70 -3.14 9.81
CA MET B 80 -15.87 -4.59 9.58
C MET B 80 -16.10 -4.65 8.10
N LEU B 81 -15.93 -5.81 7.54
CA LEU B 81 -16.11 -5.98 6.07
C LEU B 81 -17.41 -6.57 5.77
N GLU B 82 -17.88 -6.18 4.63
CA GLU B 82 -19.18 -6.63 4.11
C GLU B 82 -18.81 -7.71 3.08
N LYS B 83 -17.95 -7.37 2.14
CA LYS B 83 -17.50 -8.31 1.06
C LYS B 83 -15.99 -8.14 0.76
N ILE B 84 -15.39 -9.17 0.25
CA ILE B 84 -13.94 -9.22 -0.13
C ILE B 84 -14.02 -9.70 -1.56
N TYR B 85 -13.26 -9.09 -2.42
CA TYR B 85 -13.28 -9.49 -3.85
C TYR B 85 -11.84 -9.74 -4.23
N ILE B 86 -11.53 -10.90 -4.71
CA ILE B 86 -10.13 -11.24 -5.11
C ILE B 86 -10.26 -11.26 -6.65
N HIS B 87 -9.21 -10.86 -7.31
CA HIS B 87 -9.22 -10.85 -8.80
C HIS B 87 -9.41 -12.30 -9.28
N PRO B 88 -10.37 -12.60 -10.10
CA PRO B 88 -10.60 -13.98 -10.56
C PRO B 88 -9.35 -14.63 -11.16
N ARG B 89 -8.44 -13.83 -11.65
CA ARG B 89 -7.22 -14.41 -12.26
C ARG B 89 -5.96 -14.19 -11.42
N TYR B 90 -6.12 -14.11 -10.14
CA TYR B 90 -4.96 -13.92 -9.23
C TYR B 90 -4.26 -15.29 -9.32
N ASN B 91 -3.02 -15.27 -9.66
CA ASN B 91 -2.20 -16.51 -9.83
C ASN B 91 -1.32 -16.83 -8.62
N TRP B 92 -1.90 -17.49 -7.68
CA TRP B 92 -1.13 -17.85 -6.46
C TRP B 92 -0.25 -19.03 -6.72
N ARG B 93 -0.63 -19.74 -7.75
CA ARG B 93 0.14 -20.95 -8.13
C ARG B 93 1.50 -20.70 -8.63
N GLU B 94 1.70 -19.62 -9.33
CA GLU B 94 3.06 -19.36 -9.85
C GLU B 94 3.84 -18.12 -9.42
N ASN B 95 3.42 -16.98 -9.87
CA ASN B 95 4.14 -15.72 -9.53
C ASN B 95 3.35 -14.57 -8.90
N LEU B 96 2.19 -14.87 -8.38
CA LEU B 96 1.26 -13.88 -7.71
C LEU B 96 0.90 -12.76 -8.66
N ASP B 97 0.57 -13.16 -9.85
CA ASP B 97 0.19 -12.17 -10.88
C ASP B 97 -1.23 -11.75 -10.53
N ARG B 98 -1.48 -10.48 -10.63
CA ARG B 98 -2.82 -9.84 -10.33
C ARG B 98 -3.10 -10.05 -8.83
N ASP B 99 -2.12 -9.71 -8.07
CA ASP B 99 -2.22 -9.84 -6.62
C ASP B 99 -2.94 -8.55 -6.16
N ILE B 100 -4.24 -8.56 -6.25
CA ILE B 100 -5.07 -7.38 -5.85
C ILE B 100 -6.38 -7.88 -5.29
N ALA B 101 -6.95 -7.20 -4.32
CA ALA B 101 -8.26 -7.60 -3.73
C ALA B 101 -8.89 -6.30 -3.26
N LEU B 102 -10.18 -6.25 -3.28
CA LEU B 102 -10.95 -5.05 -2.84
C LEU B 102 -11.80 -5.53 -1.68
N MET B 103 -12.03 -4.68 -0.72
CA MET B 103 -12.88 -5.08 0.47
C MET B 103 -13.89 -3.95 0.63
N LYS B 104 -15.13 -4.30 0.87
CA LYS B 104 -16.19 -3.26 1.03
C LYS B 104 -16.39 -3.18 2.54
N LEU B 105 -16.42 -1.99 3.07
CA LEU B 105 -16.61 -1.88 4.53
C LEU B 105 -18.11 -1.93 4.80
N LYS B 106 -18.43 -2.37 5.99
CA LYS B 106 -19.85 -2.49 6.42
C LYS B 106 -20.44 -1.07 6.40
N LYS B 107 -19.78 -0.16 7.08
CA LYS B 107 -20.28 1.25 7.13
C LYS B 107 -19.21 2.17 6.60
N PRO B 108 -19.57 3.26 5.95
CA PRO B 108 -18.61 4.32 5.56
C PRO B 108 -17.81 4.85 6.73
N VAL B 109 -16.61 5.25 6.42
CA VAL B 109 -15.77 5.79 7.49
C VAL B 109 -15.86 7.28 7.17
N ALA B 110 -15.63 8.07 8.17
CA ALA B 110 -15.69 9.55 8.01
C ALA B 110 -14.23 9.92 8.04
N PHE B 111 -13.94 10.89 7.22
CA PHE B 111 -12.55 11.38 7.11
C PHE B 111 -12.23 12.33 8.23
N SER B 112 -10.98 12.38 8.53
CA SER B 112 -10.45 13.24 9.58
C SER B 112 -9.11 13.68 9.03
N ASP B 113 -8.35 14.27 9.89
CA ASP B 113 -7.02 14.74 9.53
C ASP B 113 -6.10 13.50 9.43
N TYR B 114 -6.57 12.34 9.88
CA TYR B 114 -5.76 11.08 9.86
C TYR B 114 -6.28 10.00 8.97
N ILE B 115 -7.42 10.25 8.42
CA ILE B 115 -8.09 9.29 7.52
C ILE B 115 -8.53 10.07 6.29
N HIS B 116 -8.06 9.69 5.13
CA HIS B 116 -8.42 10.39 3.86
C HIS B 116 -8.02 9.41 2.74
N PRO B 117 -8.75 9.31 1.65
CA PRO B 117 -8.39 8.36 0.57
C PRO B 117 -7.25 8.86 -0.34
N VAL B 118 -6.68 7.90 -1.04
CA VAL B 118 -5.57 8.16 -1.99
C VAL B 118 -6.24 8.11 -3.34
N CYS B 119 -5.65 8.74 -4.33
CA CYS B 119 -6.28 8.72 -5.67
C CYS B 119 -5.71 7.52 -6.44
N LEU B 120 -6.47 7.05 -7.36
CA LEU B 120 -6.05 5.90 -8.19
C LEU B 120 -5.69 6.62 -9.51
N PRO B 121 -4.68 6.14 -10.20
CA PRO B 121 -4.14 6.85 -11.36
C PRO B 121 -4.99 6.61 -12.62
N ASP B 122 -4.81 7.52 -13.53
CA ASP B 122 -5.51 7.48 -14.84
C ASP B 122 -4.35 7.23 -15.81
N ARG B 123 -4.65 6.76 -16.99
CA ARG B 123 -3.61 6.47 -18.04
C ARG B 123 -2.52 7.54 -18.15
N GLU B 124 -2.89 8.78 -18.09
CA GLU B 124 -1.88 9.87 -18.21
C GLU B 124 -0.92 9.93 -17.05
N THR B 125 -1.47 9.92 -15.87
CA THR B 125 -0.64 10.00 -14.65
C THR B 125 0.25 8.76 -14.62
N ALA B 126 -0.32 7.63 -14.91
CA ALA B 126 0.50 6.40 -14.91
C ALA B 126 1.65 6.58 -15.89
N ALA B 127 1.33 6.96 -17.10
CA ALA B 127 2.38 7.18 -18.16
C ALA B 127 3.47 8.15 -17.75
N SER B 128 3.08 9.31 -17.30
CA SER B 128 4.14 10.26 -16.91
C SER B 128 4.90 9.90 -15.64
N LEU B 129 4.36 9.09 -14.77
CA LEU B 129 5.09 8.77 -13.52
C LEU B 129 5.69 7.40 -13.38
N LEU B 130 5.12 6.45 -14.03
CA LEU B 130 5.71 5.09 -13.88
C LEU B 130 6.92 4.95 -14.82
N GLN B 131 7.95 5.65 -14.47
CA GLN B 131 9.18 5.62 -15.28
C GLN B 131 10.36 5.20 -14.37
N ALA B 132 11.21 4.37 -14.91
CA ALA B 132 12.39 3.87 -14.18
C ALA B 132 13.18 5.07 -13.68
N GLY B 133 13.60 5.01 -12.45
CA GLY B 133 14.40 6.13 -11.86
C GLY B 133 13.52 7.01 -10.96
N TYR B 134 12.25 7.08 -11.29
CA TYR B 134 11.31 7.91 -10.49
C TYR B 134 11.07 7.22 -9.17
N LYS B 135 11.00 7.98 -8.11
CA LYS B 135 10.77 7.41 -6.75
C LYS B 135 9.31 7.48 -6.28
N GLY B 136 8.97 6.43 -5.58
CA GLY B 136 7.63 6.23 -5.01
C GLY B 136 7.87 6.03 -3.53
N ARG B 137 6.80 5.92 -2.77
CA ARG B 137 6.90 5.72 -1.30
C ARG B 137 6.09 4.55 -0.85
N VAL B 138 6.64 3.75 0.04
CA VAL B 138 5.90 2.57 0.55
C VAL B 138 5.82 2.80 2.08
N THR B 139 4.75 2.36 2.68
CA THR B 139 4.60 2.53 4.13
C THR B 139 4.09 1.22 4.71
N GLY B 140 4.41 1.01 5.96
CA GLY B 140 3.94 -0.23 6.62
C GLY B 140 4.50 -0.46 8.03
N TRP B 141 3.87 -1.42 8.66
CA TRP B 141 4.19 -1.88 10.06
C TRP B 141 4.74 -3.30 10.02
N GLY B 142 5.34 -3.64 8.92
CA GLY B 142 5.91 -5.01 8.77
C GLY B 142 7.31 -5.07 9.30
N ASN B 143 7.87 -6.24 9.17
CA ASN B 143 9.26 -6.48 9.66
C ASN B 143 10.23 -5.39 9.27
N LEU B 144 11.20 -5.26 10.12
CA LEU B 144 12.30 -4.27 9.97
C LEU B 144 13.57 -4.94 9.42
N LYS B 145 13.68 -6.21 9.58
CA LYS B 145 14.85 -6.97 9.08
C LYS B 145 14.20 -8.20 8.51
N GLU B 146 14.95 -8.94 7.76
CA GLU B 146 14.40 -10.17 7.14
C GLU B 146 14.13 -11.20 8.25
N THR B 147 15.07 -11.29 9.14
CA THR B 147 15.04 -12.20 10.31
C THR B 147 15.58 -11.28 11.43
N GLY B 155 12.42 -5.55 15.86
CA GLY B 155 11.97 -6.68 15.00
C GLY B 155 10.78 -6.10 14.20
N GLN B 156 9.76 -5.70 14.91
CA GLN B 156 8.56 -5.11 14.27
C GLN B 156 8.58 -3.69 14.90
N PRO B 157 8.09 -2.67 14.24
CA PRO B 157 8.27 -1.26 14.69
C PRO B 157 7.15 -0.79 15.61
N SER B 158 7.39 0.29 16.31
CA SER B 158 6.33 0.82 17.21
C SER B 158 5.38 1.65 16.40
N VAL B 159 5.88 2.38 15.43
CA VAL B 159 4.99 3.22 14.59
C VAL B 159 5.17 2.85 13.10
N LEU B 160 4.37 3.51 12.29
CA LEU B 160 4.37 3.31 10.81
C LEU B 160 5.73 3.75 10.26
N GLN B 161 6.25 2.94 9.38
CA GLN B 161 7.57 3.23 8.75
C GLN B 161 7.32 3.65 7.29
N VAL B 162 8.26 4.36 6.77
CA VAL B 162 8.19 4.88 5.36
C VAL B 162 9.57 4.68 4.70
N VAL B 163 9.60 4.46 3.41
CA VAL B 163 10.86 4.32 2.66
C VAL B 163 10.52 4.78 1.22
N ASN B 164 11.39 5.54 0.61
CA ASN B 164 11.14 6.04 -0.79
C ASN B 164 12.10 5.23 -1.65
N LEU B 165 11.57 4.59 -2.62
CA LEU B 165 12.37 3.73 -3.53
C LEU B 165 12.12 4.08 -5.00
N PRO B 166 13.12 4.03 -5.85
CA PRO B 166 12.92 4.18 -7.31
C PRO B 166 12.38 2.98 -8.03
N ILE B 167 11.74 3.26 -9.13
CA ILE B 167 11.16 2.17 -9.98
C ILE B 167 12.44 1.71 -10.75
N VAL B 168 12.49 0.47 -11.10
CA VAL B 168 13.66 -0.11 -11.81
C VAL B 168 13.22 -0.52 -13.19
N GLU B 169 14.18 -0.52 -14.07
CA GLU B 169 13.94 -0.88 -15.50
C GLU B 169 13.52 -2.34 -15.54
N ARG B 170 12.50 -2.62 -16.29
CA ARG B 170 12.03 -4.01 -16.38
C ARG B 170 13.09 -5.08 -16.68
N PRO B 171 13.90 -4.98 -17.72
CA PRO B 171 15.06 -5.90 -17.89
C PRO B 171 15.81 -6.24 -16.60
N VAL B 172 16.14 -5.23 -15.86
CA VAL B 172 16.88 -5.45 -14.59
C VAL B 172 16.02 -6.29 -13.63
N CYS B 173 14.74 -6.01 -13.58
CA CYS B 173 13.87 -6.80 -12.66
C CYS B 173 13.85 -8.28 -13.12
N LYS B 174 13.66 -8.48 -14.38
CA LYS B 174 13.62 -9.87 -14.95
C LYS B 174 14.94 -10.62 -14.66
N ASP B 175 16.02 -9.91 -14.75
CA ASP B 175 17.38 -10.51 -14.51
C ASP B 175 17.79 -10.66 -13.06
N SER B 176 16.92 -10.29 -12.15
CA SER B 176 17.25 -10.42 -10.70
C SER B 176 16.58 -11.70 -10.15
N THR B 177 15.67 -12.26 -10.91
CA THR B 177 14.99 -13.48 -10.44
C THR B 177 14.75 -14.49 -11.56
N ARG B 178 14.27 -15.62 -11.12
CA ARG B 178 13.92 -16.81 -11.93
C ARG B 178 12.43 -16.64 -12.19
N ILE B 179 11.75 -16.01 -11.28
CA ILE B 179 10.29 -15.82 -11.43
C ILE B 179 9.96 -15.02 -12.68
N ARG B 180 8.81 -15.33 -13.17
CA ARG B 180 8.28 -14.70 -14.39
C ARG B 180 7.49 -13.46 -13.99
N ILE B 181 7.94 -12.36 -14.49
CA ILE B 181 7.32 -11.03 -14.22
C ILE B 181 6.32 -10.82 -15.37
N THR B 182 5.20 -10.22 -15.10
CA THR B 182 4.19 -9.99 -16.15
C THR B 182 4.07 -8.46 -16.24
N ASP B 183 3.24 -8.01 -17.13
CA ASP B 183 3.09 -6.53 -17.25
C ASP B 183 2.23 -6.01 -16.10
N ASN B 184 1.72 -6.89 -15.28
CA ASN B 184 0.87 -6.45 -14.13
C ASN B 184 1.70 -6.21 -12.91
N MET B 185 2.98 -6.18 -13.06
CA MET B 185 3.86 -5.97 -11.89
C MET B 185 4.95 -5.02 -12.32
N PHE B 186 5.61 -4.44 -11.38
CA PHE B 186 6.72 -3.53 -11.68
C PHE B 186 7.61 -3.79 -10.48
N CYS B 187 8.85 -3.40 -10.52
CA CYS B 187 9.70 -3.66 -9.35
C CYS B 187 10.29 -2.35 -8.96
N ALA B 188 10.76 -2.31 -7.75
CA ALA B 188 11.37 -1.06 -7.25
C ALA B 188 12.44 -1.37 -6.24
N GLY B 189 13.31 -0.45 -6.06
CA GLY B 189 14.40 -0.65 -5.09
C GLY B 189 15.69 -0.14 -5.66
N TYR B 190 16.70 -0.15 -4.84
CA TYR B 190 18.03 0.33 -5.25
C TYR B 190 18.88 -0.84 -5.75
N LYS B 191 19.87 -0.44 -6.51
CA LYS B 191 20.86 -1.35 -7.15
C LYS B 191 21.98 -1.40 -6.12
N PRO B 192 22.73 -2.48 -6.10
CA PRO B 192 23.87 -2.61 -5.17
C PRO B 192 24.84 -1.42 -5.25
N ASP B 193 24.96 -0.87 -6.43
CA ASP B 193 25.89 0.28 -6.62
C ASP B 193 25.17 1.60 -6.64
N GLU B 194 24.44 1.85 -5.59
CA GLU B 194 23.69 3.14 -5.50
C GLU B 194 24.01 3.73 -4.13
N GLY B 195 24.25 2.88 -3.19
CA GLY B 195 24.58 3.38 -1.83
C GLY B 195 23.36 3.70 -0.99
N LYS B 196 22.21 3.27 -1.40
CA LYS B 196 20.95 3.51 -0.64
C LYS B 196 20.32 2.11 -0.59
N ARG B 197 19.60 1.88 0.47
CA ARG B 197 18.90 0.58 0.75
C ARG B 197 17.42 0.89 0.95
N GLY B 198 16.74 -0.17 1.29
CA GLY B 198 15.29 -0.06 1.56
C GLY B 198 14.49 -1.08 0.83
N ASP B 199 13.38 -1.42 1.42
CA ASP B 199 12.47 -2.42 0.83
C ASP B 199 11.28 -2.60 1.79
N ALA B 200 10.27 -3.27 1.29
CA ALA B 200 9.07 -3.56 2.10
C ALA B 200 9.47 -4.97 2.58
N CYS B 201 8.74 -5.55 3.48
CA CYS B 201 9.07 -6.92 3.99
C CYS B 201 7.75 -7.54 4.39
N GLU B 202 7.83 -8.71 4.94
CA GLU B 202 6.61 -9.45 5.37
C GLU B 202 5.82 -8.52 6.34
N GLY B 203 4.53 -8.49 6.17
CA GLY B 203 3.67 -7.63 7.05
C GLY B 203 3.33 -6.34 6.31
N ASP B 204 4.12 -6.03 5.30
CA ASP B 204 3.88 -4.80 4.51
C ASP B 204 3.05 -5.06 3.26
N SER B 205 2.89 -6.31 2.87
CA SER B 205 2.09 -6.62 1.64
C SER B 205 0.75 -5.96 1.74
N GLY B 206 0.14 -5.73 0.63
CA GLY B 206 -1.20 -5.09 0.63
C GLY B 206 -1.12 -3.60 0.74
N GLY B 207 -0.03 -3.10 1.25
CA GLY B 207 0.04 -1.62 1.37
C GLY B 207 0.35 -0.87 0.06
N PRO B 208 0.34 0.43 0.15
CA PRO B 208 0.42 1.29 -1.07
C PRO B 208 1.81 1.83 -1.46
N PHE B 209 2.03 1.86 -2.75
CA PHE B 209 3.31 2.37 -3.32
C PHE B 209 2.65 3.61 -3.94
N VAL B 210 2.99 4.76 -3.44
CA VAL B 210 2.38 6.00 -3.99
C VAL B 210 3.41 6.96 -4.51
N MET B 211 2.94 7.82 -5.37
CA MET B 211 3.80 8.87 -5.98
C MET B 211 3.00 10.18 -5.88
N LYS B 212 3.71 11.27 -5.92
CA LYS B 212 3.02 12.59 -5.82
C LYS B 212 3.11 13.28 -7.18
N SER B 213 1.97 13.52 -7.76
CA SER B 213 1.97 14.19 -9.09
C SER B 213 2.50 15.63 -8.93
N PRO B 214 3.50 15.97 -9.71
CA PRO B 214 4.02 17.35 -9.77
C PRO B 214 3.07 18.27 -10.59
N PHE B 215 2.06 17.75 -11.18
CA PHE B 215 1.15 18.60 -11.97
C PHE B 215 0.04 19.18 -11.13
N ASN B 216 -0.55 18.31 -10.34
CA ASN B 216 -1.68 18.69 -9.43
C ASN B 216 -1.47 18.41 -7.93
N ASN B 217 -0.28 18.07 -7.54
CA ASN B 217 0.05 17.78 -6.12
C ASN B 217 -0.71 16.69 -5.39
N ARG B 218 -1.33 15.78 -6.09
CA ARG B 218 -2.07 14.73 -5.36
C ARG B 218 -1.21 13.50 -5.35
N TRP B 219 -1.50 12.66 -4.40
CA TRP B 219 -0.76 11.38 -4.22
C TRP B 219 -1.62 10.38 -4.89
N TYR B 220 -1.00 9.56 -5.68
CA TYR B 220 -1.70 8.52 -6.44
C TYR B 220 -1.10 7.22 -6.00
N GLN B 221 -1.89 6.20 -5.98
CA GLN B 221 -1.37 4.89 -5.56
C GLN B 221 -1.05 4.20 -6.89
N MET B 222 0.20 3.98 -7.12
CA MET B 222 0.63 3.31 -8.38
C MET B 222 0.80 1.82 -8.18
N GLY B 223 1.15 1.41 -7.00
CA GLY B 223 1.31 -0.05 -6.76
C GLY B 223 0.84 -0.52 -5.40
N ILE B 224 0.79 -1.82 -5.26
CA ILE B 224 0.38 -2.51 -4.03
C ILE B 224 1.60 -3.39 -3.72
N VAL B 225 2.09 -3.36 -2.52
CA VAL B 225 3.27 -4.21 -2.15
C VAL B 225 2.82 -5.67 -2.35
N SER B 226 3.56 -6.39 -3.14
CA SER B 226 3.23 -7.78 -3.43
C SER B 226 4.32 -8.69 -2.86
N TRP B 227 5.24 -9.18 -3.63
CA TRP B 227 6.28 -10.08 -3.06
C TRP B 227 7.66 -9.55 -3.30
N GLY B 228 8.63 -10.32 -2.92
CA GLY B 228 10.05 -9.97 -3.08
C GLY B 228 10.74 -11.22 -2.53
N GLU B 229 11.98 -11.44 -2.85
CA GLU B 229 12.67 -12.65 -2.33
C GLU B 229 13.49 -12.12 -1.20
N GLY B 230 12.98 -12.35 -0.04
CA GLY B 230 13.68 -11.88 1.17
C GLY B 230 13.35 -10.41 1.33
N CYS B 231 14.07 -9.78 2.20
CA CYS B 231 13.84 -8.35 2.44
C CYS B 231 15.16 -7.64 2.37
N ASP B 232 15.18 -6.70 1.48
CA ASP B 232 16.33 -5.81 1.21
C ASP B 232 17.62 -6.56 0.86
N ARG B 233 17.52 -7.64 0.12
CA ARG B 233 18.77 -8.39 -0.22
C ARG B 233 19.44 -7.63 -1.38
N ASP B 234 20.74 -7.73 -1.49
CA ASP B 234 21.44 -7.01 -2.60
C ASP B 234 21.20 -7.73 -3.91
N GLY B 235 20.87 -6.98 -4.93
CA GLY B 235 20.63 -7.60 -6.25
C GLY B 235 19.18 -8.02 -6.44
N LYS B 236 18.39 -7.96 -5.40
CA LYS B 236 16.94 -8.36 -5.51
C LYS B 236 16.07 -7.09 -5.42
N TYR B 237 14.84 -7.18 -5.84
CA TYR B 237 13.91 -6.02 -5.83
C TYR B 237 12.55 -6.43 -5.24
N GLY B 238 11.73 -5.46 -4.96
CA GLY B 238 10.40 -5.79 -4.42
C GLY B 238 9.48 -5.65 -5.64
N PHE B 239 8.46 -6.45 -5.72
CA PHE B 239 7.53 -6.41 -6.85
C PHE B 239 6.26 -5.85 -6.31
N TYR B 240 5.62 -5.12 -7.15
CA TYR B 240 4.35 -4.46 -6.79
C TYR B 240 3.28 -4.70 -7.84
N THR B 241 2.04 -4.77 -7.44
CA THR B 241 0.96 -4.98 -8.42
C THR B 241 0.81 -3.59 -9.17
N HIS B 242 0.64 -3.63 -10.46
CA HIS B 242 0.50 -2.39 -11.29
C HIS B 242 -0.98 -2.03 -11.21
N VAL B 243 -1.30 -1.06 -10.38
CA VAL B 243 -2.73 -0.65 -10.21
C VAL B 243 -3.42 -0.18 -11.44
N PHE B 244 -2.79 0.69 -12.16
CA PHE B 244 -3.47 1.17 -13.39
C PHE B 244 -3.81 -0.04 -14.34
N ARG B 245 -2.92 -0.98 -14.55
CA ARG B 245 -3.32 -2.11 -15.47
C ARG B 245 -4.50 -2.88 -14.96
N LEU B 246 -4.76 -2.77 -13.69
CA LEU B 246 -5.94 -3.53 -13.12
C LEU B 246 -7.12 -2.61 -12.71
N LYS B 247 -7.03 -1.38 -13.10
CA LYS B 247 -8.08 -0.38 -12.77
C LYS B 247 -9.43 -0.70 -13.40
N LYS B 248 -9.42 -1.28 -14.58
CA LYS B 248 -10.73 -1.58 -15.22
C LYS B 248 -11.47 -2.60 -14.31
N TRP B 249 -10.72 -3.50 -13.71
CA TRP B 249 -11.29 -4.53 -12.79
C TRP B 249 -11.79 -3.80 -11.53
N ILE B 250 -10.95 -2.95 -11.01
CA ILE B 250 -11.32 -2.18 -9.79
C ILE B 250 -12.65 -1.52 -10.07
N GLN B 251 -12.69 -0.69 -11.10
CA GLN B 251 -13.97 0.02 -11.47
C GLN B 251 -15.14 -0.94 -11.56
N LYS B 252 -15.01 -1.95 -12.35
CA LYS B 252 -16.07 -2.96 -12.52
C LYS B 252 -16.68 -3.39 -11.16
N VAL B 253 -15.84 -3.73 -10.22
CA VAL B 253 -16.35 -4.18 -8.89
C VAL B 253 -17.03 -3.06 -8.10
N ILE B 254 -16.54 -1.89 -8.23
CA ILE B 254 -17.14 -0.77 -7.48
C ILE B 254 -18.41 -0.18 -8.07
N ASP B 255 -18.61 -0.29 -9.35
CA ASP B 255 -19.87 0.28 -9.92
C ASP B 255 -20.71 -0.85 -10.45
N GLN B 256 -20.73 -1.87 -9.64
CA GLN B 256 -21.50 -3.10 -9.95
C GLN B 256 -22.00 -3.62 -8.58
N PHE B 257 -21.13 -3.52 -7.59
CA PHE B 257 -21.44 -3.96 -6.20
C PHE B 257 -21.22 -2.74 -5.27
N ASP C 1 1.60 -8.70 21.39
CA ASP C 1 1.92 -7.35 21.93
C ASP C 1 0.86 -6.30 21.52
N PHE C 2 -0.22 -6.69 20.90
CA PHE C 2 -1.25 -5.69 20.51
C PHE C 2 -2.07 -5.43 21.75
N GLU C 3 -2.56 -4.23 21.83
CA GLU C 3 -3.38 -3.83 23.00
C GLU C 3 -4.79 -4.22 22.62
N GLU C 4 -5.58 -4.50 23.62
CA GLU C 4 -6.97 -4.92 23.36
C GLU C 4 -7.74 -3.73 22.85
N ILE C 5 -8.70 -4.02 22.03
CA ILE C 5 -9.55 -2.98 21.44
C ILE C 5 -10.98 -3.24 22.00
N PRO C 6 -11.87 -2.26 21.97
CA PRO C 6 -13.29 -2.43 22.35
C PRO C 6 -14.04 -3.66 21.86
N GLU C 7 -14.51 -4.43 22.81
CA GLU C 7 -15.28 -5.68 22.53
C GLU C 7 -16.25 -5.47 21.36
N GLU C 8 -16.84 -4.30 21.29
CA GLU C 8 -17.81 -3.99 20.20
C GLU C 8 -17.24 -4.17 18.76
N LEU C 10 -15.41 -6.97 17.90
CA LEU C 10 -15.14 -8.41 17.66
C LEU C 10 -16.53 -8.94 17.27
N GLN C 11 -17.48 -8.73 18.14
CA GLN C 11 -18.91 -9.15 17.94
C GLN C 11 -19.03 -10.64 17.60
#